data_4YHQ
#
_entry.id   4YHQ
#
_cell.length_a   60.303
_cell.length_b   60.303
_cell.length_c   86.141
_cell.angle_alpha   90.00
_cell.angle_beta   90.00
_cell.angle_gamma   120.00
#
_symmetry.space_group_name_H-M   'P 61'
#
loop_
_entity.id
_entity.type
_entity.pdbx_description
1 polymer Protease
2 non-polymer '(3R,3aS,6aS)-4,4-difluorohexahydrofuro[2,3-b]furan-3-yl [(2S,3R)-4-{[(4-aminophenyl)sulfonyl](2-methylpropyl)amino}-3-hydroxy-1-phenylbutan-2-yl]carbamate'
3 non-polymer 'YTTRIUM ION'
4 non-polymer 'CHLORIDE ION'
5 non-polymer 'SODIUM ION'
6 non-polymer GLYCEROL
7 water water
#
_entity_poly.entity_id   1
_entity_poly.type   'polypeptide(L)'
_entity_poly.pdbx_seq_one_letter_code
;PQITLWKRPFVTVKVGGQLKEALLDTGADNTIFEDINLPGRWKPKMVGGIGGFLKVREYDQVPIEIAGHKVIGTVLVGPT
PVNVIGRDTMTQIGATLNF
;
_entity_poly.pdbx_strand_id   A,B
#
loop_
_chem_comp.id
_chem_comp.type
_chem_comp.name
_chem_comp.formula
CL non-polymer 'CHLORIDE ION' 'Cl -1'
G10 non-polymer '(3R,3aS,6aS)-4,4-difluorohexahydrofuro[2,3-b]furan-3-yl [(2S,3R)-4-{[(4-aminophenyl)sulfonyl](2-methylpropyl)amino}-3-hydroxy-1-phenylbutan-2-yl]carbamate' 'C27 H35 F2 N3 O7 S'
GOL non-polymer GLYCEROL 'C3 H8 O3'
NA non-polymer 'SODIUM ION' 'Na 1'
Y1 non-polymer 'YTTRIUM ION' 'Y 2'
#
# COMPACT_ATOMS: atom_id res chain seq x y z
N PRO A 1 12.34 -2.01 15.08
CA PRO A 1 12.86 -0.70 14.70
C PRO A 1 11.78 0.41 14.55
N GLN A 2 12.17 1.68 14.48
CA GLN A 2 11.27 2.78 14.08
C GLN A 2 11.89 3.32 12.78
N ILE A 3 11.07 3.52 11.73
CA ILE A 3 11.58 4.06 10.47
C ILE A 3 10.73 5.25 10.09
N THR A 4 11.36 6.20 9.41
CA THR A 4 10.64 7.22 8.65
C THR A 4 10.32 6.71 7.26
N LEU A 5 9.74 7.56 6.44
CA LEU A 5 9.15 7.12 5.13
C LEU A 5 9.75 7.84 3.95
N TRP A 6 10.96 8.39 4.14
CA TRP A 6 11.63 9.06 3.03
C TRP A 6 12.07 8.11 1.94
N LYS A 7 12.30 6.84 2.29
CA LYS A 7 12.53 5.82 1.25
C LYS A 7 11.44 4.75 1.35
N ARG A 8 11.25 3.95 0.32
CA ARG A 8 10.30 2.84 0.39
CA ARG A 8 10.27 2.85 0.39
C ARG A 8 10.70 1.94 1.58
N PRO A 9 9.75 1.52 2.43
CA PRO A 9 10.05 0.73 3.65
C PRO A 9 10.23 -0.77 3.42
N PHE A 10 11.31 -1.10 2.75
CA PHE A 10 11.67 -2.50 2.52
C PHE A 10 12.21 -3.11 3.76
N VAL A 11 11.90 -4.40 3.92
CA VAL A 11 12.53 -5.24 4.95
C VAL A 11 12.94 -6.57 4.29
N THR A 12 13.95 -7.16 4.89
CA THR A 12 14.43 -8.47 4.51
C THR A 12 13.71 -9.52 5.28
N VAL A 13 13.17 -10.54 4.59
CA VAL A 13 12.41 -11.59 5.26
C VAL A 13 12.92 -12.95 4.78
N LYS A 14 12.55 -13.98 5.49
CA LYS A 14 12.74 -15.32 5.00
C LYS A 14 11.38 -15.98 5.01
N VAL A 15 10.89 -16.36 3.82
CA VAL A 15 9.51 -16.88 3.69
C VAL A 15 9.64 -18.27 3.08
N GLY A 16 9.07 -19.25 3.78
CA GLY A 16 9.27 -20.65 3.33
C GLY A 16 10.73 -21.01 3.02
N GLY A 17 11.64 -20.47 3.78
CA GLY A 17 13.07 -20.83 3.56
C GLY A 17 13.78 -20.00 2.52
N GLN A 18 13.10 -19.05 1.85
CA GLN A 18 13.68 -18.26 0.78
C GLN A 18 13.84 -16.84 1.20
N LEU A 19 14.96 -16.24 0.86
CA LEU A 19 15.22 -14.85 1.28
C LEU A 19 14.61 -13.91 0.28
N LYS A 20 13.89 -12.90 0.78
CA LYS A 20 13.24 -11.94 -0.09
C LYS A 20 13.26 -10.56 0.55
N GLU A 21 13.13 -9.52 -0.24
N GLU A 21 13.07 -9.53 -0.30
CA GLU A 21 12.82 -8.19 0.28
CA GLU A 21 12.87 -8.14 0.13
C GLU A 21 11.37 -7.85 -0.03
C GLU A 21 11.40 -7.76 -0.09
N ALA A 22 10.73 -7.18 0.91
CA ALA A 22 9.30 -6.89 0.76
C ALA A 22 9.00 -5.55 1.42
N LEU A 23 8.02 -4.88 0.82
N LEU A 23 7.97 -4.87 0.90
CA LEU A 23 7.56 -3.55 1.19
CA LEU A 23 7.54 -3.60 1.52
C LEU A 23 6.62 -3.62 2.42
C LEU A 23 6.70 -3.83 2.71
N LEU A 24 6.95 -3.01 3.66
CA LEU A 24 5.98 -2.88 4.74
C LEU A 24 4.88 -1.97 4.24
N ASP A 25 3.69 -2.55 4.02
CA ASP A 25 2.64 -1.86 3.26
C ASP A 25 1.33 -1.79 4.03
N THR A 26 1.10 -0.68 4.73
CA THR A 26 -0.09 -0.54 5.58
C THR A 26 -1.32 -0.46 4.71
N GLY A 27 -1.20 -0.19 3.38
CA GLY A 27 -2.39 -0.24 2.52
C GLY A 27 -2.71 -1.61 1.96
N ALA A 28 -1.91 -2.65 2.33
CA ALA A 28 -2.16 -4.03 1.86
C ALA A 28 -2.82 -4.80 2.97
N ASP A 29 -3.97 -5.41 2.65
CA ASP A 29 -4.62 -6.29 3.64
C ASP A 29 -3.80 -7.53 3.86
N ASN A 30 -3.23 -8.01 2.72
N ASN A 30 -3.11 -8.09 2.85
CA ASN A 30 -2.76 -9.38 2.51
CA ASN A 30 -2.42 -9.35 3.05
C ASN A 30 -1.22 -9.45 2.09
C ASN A 30 -1.12 -9.25 2.32
N THR A 31 -0.27 -10.14 2.75
CA THR A 31 1.07 -10.36 2.25
C THR A 31 1.09 -11.14 0.96
N ILE A 32 1.89 -10.68 0.03
N ILE A 32 1.87 -10.69 0.00
CA ILE A 32 2.01 -11.29 -1.29
CA ILE A 32 1.97 -11.38 -1.28
C ILE A 32 3.45 -11.33 -1.69
C ILE A 32 3.37 -11.33 -1.87
N PHE A 33 3.90 -12.51 -2.22
CA PHE A 33 5.22 -12.61 -2.84
C PHE A 33 5.06 -13.16 -4.27
N GLU A 34 6.04 -12.80 -5.11
CA GLU A 34 6.25 -13.39 -6.43
C GLU A 34 7.45 -14.32 -6.31
N ASP A 35 7.45 -15.31 -7.15
CA ASP A 35 8.66 -16.15 -7.39
C ASP A 35 9.15 -16.83 -6.13
N ILE A 36 8.19 -17.45 -5.43
CA ILE A 36 8.61 -18.31 -4.36
C ILE A 36 7.92 -19.59 -4.55
N ASN A 37 8.56 -20.60 -3.99
N ASN A 37 8.54 -20.69 -4.17
CA ASN A 37 8.00 -21.94 -4.04
CA ASN A 37 7.76 -21.95 -4.32
C ASN A 37 7.63 -22.43 -2.67
C ASN A 37 7.61 -22.54 -2.91
N LEU A 38 6.36 -22.84 -2.59
CA LEU A 38 5.89 -23.28 -1.31
C LEU A 38 5.27 -24.65 -1.48
N PRO A 39 5.36 -25.48 -0.44
CA PRO A 39 4.81 -26.84 -0.56
C PRO A 39 3.33 -26.93 -0.19
N GLY A 40 2.68 -28.00 -0.57
CA GLY A 40 1.34 -28.30 -0.13
C GLY A 40 0.27 -27.71 -0.98
N ARG A 41 -0.95 -27.95 -0.52
CA ARG A 41 -2.13 -27.45 -1.17
C ARG A 41 -2.29 -25.96 -1.09
N TRP A 42 -2.95 -25.42 -2.09
CA TRP A 42 -3.27 -24.01 -2.07
C TRP A 42 -4.70 -23.82 -2.51
N LYS A 43 -5.21 -22.65 -2.24
CA LYS A 43 -6.56 -22.24 -2.65
C LYS A 43 -6.45 -21.04 -3.61
N PRO A 44 -7.21 -20.98 -4.74
N PRO A 44 -7.51 -20.99 -4.42
CA PRO A 44 -7.01 -19.82 -5.67
CA PRO A 44 -7.62 -19.96 -5.39
C PRO A 44 -7.56 -18.42 -5.14
C PRO A 44 -8.20 -18.82 -4.64
N LYS A 45 -7.00 -17.29 -5.57
N LYS A 45 -7.60 -17.66 -4.87
CA LYS A 45 -7.64 -15.99 -5.24
CA LYS A 45 -8.08 -16.39 -4.39
C LYS A 45 -7.24 -14.82 -6.09
C LYS A 45 -7.76 -15.50 -5.53
N MET A 46 -7.93 -13.67 -5.91
N MET A 46 -8.52 -14.43 -5.63
CA MET A 46 -7.62 -12.47 -6.63
CA MET A 46 -8.08 -13.42 -6.55
C MET A 46 -7.44 -11.36 -5.59
C MET A 46 -7.86 -12.07 -5.89
N VAL A 47 -6.56 -10.39 -5.92
N VAL A 47 -6.65 -11.53 -5.96
CA VAL A 47 -6.34 -9.12 -5.18
CA VAL A 47 -6.29 -10.33 -5.22
C VAL A 47 -6.44 -7.90 -6.10
C VAL A 47 -6.60 -9.05 -5.93
N GLY A 48 -7.03 -6.84 -5.57
N GLY A 48 -7.10 -8.06 -5.19
CA GLY A 48 -7.31 -5.67 -6.37
CA GLY A 48 -7.34 -6.75 -5.75
C GLY A 48 -6.52 -4.46 -5.96
C GLY A 48 -6.13 -5.87 -5.66
N GLY A 49 -6.00 -3.72 -6.95
N GLY A 49 -6.19 -4.83 -6.47
CA GLY A 49 -5.35 -2.49 -6.59
CA GLY A 49 -5.17 -3.82 -6.41
C GLY A 49 -5.53 -1.46 -7.65
C GLY A 49 -5.74 -2.60 -7.08
N ILE A 50 -4.65 -0.49 -7.62
N ILE A 50 -4.85 -1.68 -7.27
CA ILE A 50 -4.54 0.52 -8.63
CA ILE A 50 -5.25 -0.43 -7.90
C ILE A 50 -4.22 -0.19 -9.90
C ILE A 50 -5.65 -0.68 -9.40
N GLY A 51 -5.13 0.11 -10.81
N GLY A 51 -5.03 -1.70 -10.07
CA GLY A 51 -5.27 -0.49 -12.10
CA GLY A 51 -5.25 -1.98 -11.51
C GLY A 51 -5.53 -1.95 -12.41
C GLY A 51 -6.39 -2.86 -11.83
N GLY A 52 -6.08 -2.73 -11.50
N GLY A 52 -7.00 -3.43 -10.81
CA GLY A 52 -6.38 -4.14 -11.84
CA GLY A 52 -7.93 -4.49 -10.96
C GLY A 52 -6.44 -5.13 -10.68
C GLY A 52 -7.20 -5.57 -10.19
N PHE A 53 -7.10 -6.32 -10.87
N PHE A 53 -6.47 -6.43 -10.92
CA PHE A 53 -7.05 -7.52 -9.97
CA PHE A 53 -6.44 -7.74 -10.43
C PHE A 53 -5.99 -8.52 -10.52
C PHE A 53 -5.04 -8.25 -10.57
N LEU A 54 -5.43 -9.28 -9.61
N LEU A 54 -4.72 -9.04 -9.57
CA LEU A 54 -4.41 -10.22 -9.99
CA LEU A 54 -3.64 -10.06 -9.64
C LEU A 54 -4.82 -11.56 -9.49
C LEU A 54 -4.30 -11.42 -9.26
N LYS A 55 -4.18 -12.51 -10.08
CA LYS A 55 -4.49 -13.88 -9.72
C LYS A 55 -3.37 -14.36 -8.86
N VAL A 56 -3.78 -14.92 -7.71
CA VAL A 56 -2.82 -15.49 -6.73
C VAL A 56 -3.19 -16.90 -6.23
N ARG A 57 -2.22 -17.52 -5.57
N ARG A 57 -2.23 -17.61 -5.66
CA ARG A 57 -2.36 -18.82 -4.91
CA ARG A 57 -2.51 -18.81 -4.89
C ARG A 57 -2.22 -18.60 -3.39
C ARG A 57 -2.36 -18.46 -3.43
N GLU A 58 -3.23 -18.99 -2.61
CA GLU A 58 -3.13 -18.83 -1.18
C GLU A 58 -2.60 -20.09 -0.56
N TYR A 59 -1.62 -19.85 0.32
N TYR A 59 -1.35 -20.10 -0.10
CA TYR A 59 -1.05 -20.77 1.30
CA TYR A 59 -0.72 -21.29 0.51
C TYR A 59 -1.28 -20.33 2.73
C TYR A 59 -0.87 -21.21 2.04
N ASP A 60 -1.81 -21.23 3.53
N ASP A 60 -0.79 -22.37 2.71
CA ASP A 60 -2.14 -20.91 4.94
CA ASP A 60 -0.95 -22.49 4.15
C ASP A 60 -1.08 -21.31 5.95
C ASP A 60 0.34 -22.98 4.73
N GLN A 61 -0.26 -22.29 5.65
N GLN A 61 0.37 -22.84 6.04
CA GLN A 61 0.84 -22.47 6.63
CA GLN A 61 1.46 -23.21 6.94
C GLN A 61 2.00 -21.42 6.46
C GLN A 61 2.71 -22.52 6.60
N VAL A 62 3.08 -21.79 5.82
N VAL A 62 2.65 -21.15 6.38
CA VAL A 62 4.14 -20.87 5.50
CA VAL A 62 3.76 -20.45 5.96
C VAL A 62 4.77 -20.03 6.64
C VAL A 62 4.45 -19.68 7.07
N PRO A 63 6.02 -20.30 6.95
N PRO A 63 5.56 -20.23 7.51
CA PRO A 63 6.79 -19.54 7.90
CA PRO A 63 6.39 -19.47 8.43
C PRO A 63 7.33 -18.24 7.29
C PRO A 63 7.00 -18.26 7.69
N ILE A 64 7.32 -17.20 8.11
N ILE A 64 7.04 -17.07 8.32
CA ILE A 64 7.76 -15.86 7.73
CA ILE A 64 7.81 -15.92 7.75
C ILE A 64 8.58 -15.32 8.90
C ILE A 64 8.63 -15.50 8.94
N GLU A 65 9.88 -15.15 8.66
CA GLU A 65 10.82 -14.57 9.63
C GLU A 65 10.94 -13.10 9.23
N ILE A 66 10.56 -12.24 10.15
CA ILE A 66 10.49 -10.82 9.87
C ILE A 66 10.76 -10.04 11.19
N ALA A 67 11.74 -9.15 11.06
CA ALA A 67 12.07 -8.17 12.10
C ALA A 67 12.34 -8.86 13.42
N GLY A 68 13.00 -10.01 13.34
CA GLY A 68 13.38 -10.74 14.57
C GLY A 68 12.27 -11.63 15.14
N HIS A 69 11.13 -11.69 14.43
CA HIS A 69 10.03 -12.54 14.84
C HIS A 69 9.83 -13.64 13.86
N LYS A 70 9.13 -14.67 14.23
CA LYS A 70 8.80 -15.74 13.37
C LYS A 70 7.34 -15.89 13.50
N VAL A 71 6.58 -15.82 12.45
N VAL A 71 6.63 -15.87 12.33
CA VAL A 71 5.19 -15.90 12.74
CA VAL A 71 5.12 -15.91 12.05
C VAL A 71 4.88 -16.97 11.74
C VAL A 71 4.69 -17.05 11.08
N ILE A 72 3.61 -17.38 11.80
N ILE A 72 3.64 -17.84 11.36
CA ILE A 72 3.01 -18.28 10.84
CA ILE A 72 3.23 -18.95 10.50
C ILE A 72 1.85 -17.48 10.26
C ILE A 72 1.77 -18.88 10.16
N GLY A 73 1.77 -17.39 8.92
N GLY A 73 1.46 -18.85 8.89
CA GLY A 73 0.86 -16.44 8.36
CA GLY A 73 0.08 -18.81 8.50
C GLY A 73 0.30 -17.03 7.09
C GLY A 73 -0.03 -18.79 7.00
N THR A 74 -0.71 -16.38 6.54
N THR A 74 -1.15 -18.32 6.49
CA THR A 74 -1.17 -16.61 5.15
CA THR A 74 -1.37 -18.16 5.03
C THR A 74 -0.34 -15.84 4.13
C THR A 74 -0.45 -17.15 4.40
N VAL A 75 0.07 -16.53 3.09
N VAL A 75 -0.12 -17.30 3.10
CA VAL A 75 0.84 -15.94 2.07
CA VAL A 75 0.55 -16.23 2.31
C VAL A 75 0.15 -16.22 0.82
C VAL A 75 0.11 -16.27 0.83
N LEU A 76 -0.03 -15.15 0.09
CA LEU A 76 -0.44 -15.20 -1.29
C LEU A 76 0.79 -15.17 -2.20
N VAL A 77 0.74 -15.99 -3.25
CA VAL A 77 1.81 -16.01 -4.24
C VAL A 77 1.26 -15.68 -5.59
N GLY A 78 1.88 -14.71 -6.24
CA GLY A 78 1.45 -14.34 -7.62
C GLY A 78 2.30 -13.18 -8.11
N PRO A 79 2.10 -12.75 -9.35
CA PRO A 79 3.10 -11.89 -10.06
C PRO A 79 3.08 -10.37 -9.73
N THR A 80 3.13 -10.05 -8.44
CA THR A 80 3.05 -8.71 -7.96
C THR A 80 4.35 -8.05 -8.40
N PRO A 81 4.29 -6.71 -8.63
CA PRO A 81 5.53 -6.04 -9.06
C PRO A 81 6.58 -5.88 -7.98
N VAL A 82 6.12 -5.86 -6.74
N VAL A 82 6.10 -5.91 -6.74
CA VAL A 82 7.02 -5.90 -5.61
CA VAL A 82 6.93 -5.73 -5.57
C VAL A 82 6.34 -6.81 -4.60
C VAL A 82 6.34 -6.59 -4.46
N ASN A 83 7.17 -7.37 -3.76
CA ASN A 83 6.62 -8.21 -2.69
C ASN A 83 6.12 -7.26 -1.59
N VAL A 84 5.00 -7.56 -0.94
N VAL A 84 5.00 -7.68 -0.99
CA VAL A 84 4.55 -6.64 0.14
CA VAL A 84 4.23 -6.86 -0.04
C VAL A 84 4.23 -7.49 1.32
C VAL A 84 4.01 -7.53 1.35
N ILE A 85 4.43 -6.89 2.46
CA ILE A 85 4.03 -7.38 3.78
C ILE A 85 2.79 -6.58 4.15
N GLY A 86 1.67 -7.28 4.30
CA GLY A 86 0.42 -6.62 4.58
C GLY A 86 0.07 -6.62 6.05
N ARG A 87 -1.14 -6.15 6.35
CA ARG A 87 -1.56 -6.00 7.73
C ARG A 87 -1.75 -7.33 8.42
N ASP A 88 -2.06 -8.38 7.67
CA ASP A 88 -2.13 -9.72 8.29
C ASP A 88 -0.84 -10.10 8.97
N THR A 89 0.28 -9.83 8.37
CA THR A 89 1.52 -10.15 8.97
C THR A 89 1.93 -9.06 9.98
N MET A 90 1.75 -7.78 9.66
CA MET A 90 2.20 -6.69 10.51
C MET A 90 1.47 -6.71 11.85
N THR A 91 0.21 -7.07 11.88
CA THR A 91 -0.45 -7.16 13.18
C THR A 91 0.15 -8.22 14.04
N GLN A 92 0.69 -9.29 13.46
CA GLN A 92 1.28 -10.37 14.24
C GLN A 92 2.56 -9.97 14.92
N ILE A 93 3.22 -8.92 14.43
CA ILE A 93 4.42 -8.39 15.05
C ILE A 93 4.15 -7.07 15.76
N GLY A 94 2.89 -6.69 15.93
CA GLY A 94 2.57 -5.54 16.74
C GLY A 94 2.98 -4.22 16.10
N ALA A 95 3.04 -4.14 14.78
CA ALA A 95 3.42 -2.86 14.14
C ALA A 95 2.42 -1.72 14.34
N THR A 96 2.92 -0.48 14.42
CA THR A 96 2.05 0.66 14.58
C THR A 96 2.52 1.75 13.63
N LEU A 97 1.56 2.56 13.20
N LEU A 97 1.61 2.65 13.34
CA LEU A 97 1.82 3.90 12.58
CA LEU A 97 1.98 3.80 12.55
C LEU A 97 1.77 5.01 13.60
C LEU A 97 1.70 5.04 13.40
N ASN A 98 2.70 5.94 13.47
CA ASN A 98 2.62 7.17 14.28
C ASN A 98 2.53 8.29 13.27
N PHE A 99 1.59 9.20 13.48
CA PHE A 99 1.45 10.37 12.56
C PHE A 99 0.81 11.55 13.29
N PRO B 1 -1.51 10.88 16.22
CA PRO B 1 -1.96 9.61 16.86
C PRO B 1 -1.00 8.42 16.64
N GLN B 2 -1.12 7.37 17.43
CA GLN B 2 -0.45 6.09 17.17
C GLN B 2 -1.60 5.13 16.90
N ILE B 3 -1.51 4.32 15.85
CA ILE B 3 -2.56 3.36 15.54
C ILE B 3 -1.94 2.01 15.33
N THR B 4 -2.68 0.96 15.69
CA THR B 4 -2.35 -0.40 15.24
C THR B 4 -2.99 -0.67 13.89
N LEU B 5 -2.86 -1.89 13.39
CA LEU B 5 -3.17 -2.21 11.98
C LEU B 5 -4.24 -3.28 11.85
N TRP B 6 -5.01 -3.48 12.94
CA TRP B 6 -6.08 -4.46 12.93
C TRP B 6 -7.19 -4.08 11.97
N LYS B 7 -7.38 -2.79 11.73
CA LYS B 7 -8.32 -2.35 10.70
C LYS B 7 -7.53 -1.57 9.61
N ARG B 8 -8.15 -1.34 8.46
CA ARG B 8 -7.52 -0.48 7.44
CA ARG B 8 -7.51 -0.53 7.44
C ARG B 8 -7.29 0.88 8.05
N PRO B 9 -6.13 1.49 7.88
CA PRO B 9 -5.78 2.79 8.52
C PRO B 9 -6.33 4.01 7.76
N PHE B 10 -7.64 4.14 7.74
CA PHE B 10 -8.28 5.33 7.12
C PHE B 10 -8.11 6.53 7.99
N VAL B 11 -7.94 7.68 7.33
CA VAL B 11 -7.98 8.99 8.00
C VAL B 11 -8.92 9.89 7.17
N THR B 12 -9.47 10.86 7.89
CA THR B 12 -10.29 11.91 7.27
C THR B 12 -9.41 13.08 6.90
N VAL B 13 -9.55 13.53 5.66
CA VAL B 13 -8.76 14.64 5.16
C VAL B 13 -9.64 15.66 4.48
N LYS B 14 -9.10 16.84 4.29
CA LYS B 14 -9.74 17.83 3.46
C LYS B 14 -8.74 18.16 2.38
N VAL B 15 -9.10 17.89 1.11
CA VAL B 15 -8.17 18.01 -0.02
C VAL B 15 -8.85 18.97 -0.99
N GLY B 16 -8.15 20.09 -1.30
CA GLY B 16 -8.79 21.11 -2.17
C GLY B 16 -10.21 21.49 -1.73
N GLY B 17 -10.42 21.56 -0.44
CA GLY B 17 -11.75 21.95 0.10
C GLY B 17 -12.77 20.87 0.18
N GLN B 18 -12.46 19.63 -0.22
CA GLN B 18 -13.38 18.52 -0.22
C GLN B 18 -13.06 17.51 0.81
N LEU B 19 -14.04 16.97 1.50
CA LEU B 19 -13.81 16.04 2.59
C LEU B 19 -13.75 14.68 2.02
N LYS B 20 -12.71 13.93 2.36
CA LYS B 20 -12.54 12.56 1.88
C LYS B 20 -11.96 11.68 2.94
N GLU B 21 -12.16 10.36 2.76
N GLU B 21 -12.17 10.36 2.88
CA GLU B 21 -11.48 9.34 3.56
CA GLU B 21 -11.32 9.48 3.70
C GLU B 21 -10.34 8.74 2.73
C GLU B 21 -10.33 8.76 2.80
N ALA B 22 -9.17 8.50 3.35
CA ALA B 22 -8.06 7.95 2.54
C ALA B 22 -7.25 7.04 3.44
N LEU B 23 -6.68 6.02 2.79
N LEU B 23 -6.62 6.02 2.83
CA LEU B 23 -5.92 4.98 3.44
CA LEU B 23 -5.72 5.18 3.63
C LEU B 23 -4.44 5.46 3.69
C LEU B 23 -4.37 5.80 3.85
N LEU B 24 -3.88 5.53 4.99
CA LEU B 24 -2.45 5.82 5.22
C LEU B 24 -1.73 4.62 4.66
N ASP B 25 -1.01 4.80 3.53
CA ASP B 25 -0.49 3.68 2.79
C ASP B 25 1.02 3.79 2.59
N THR B 26 1.78 3.08 3.45
CA THR B 26 3.23 3.17 3.37
C THR B 26 3.78 2.49 2.14
N GLY B 27 2.94 1.68 1.43
CA GLY B 27 3.38 1.11 0.16
C GLY B 27 3.12 2.00 -1.05
N ALA B 28 2.52 3.20 -0.84
CA ALA B 28 2.23 4.11 -1.92
C ALA B 28 3.24 5.22 -1.93
N ASP B 29 3.90 5.43 -3.09
CA ASP B 29 4.85 6.51 -3.19
C ASP B 29 4.11 7.85 -3.15
N ASN B 30 2.90 7.97 -3.72
N ASN B 30 2.95 7.81 -3.82
CA ASN B 30 2.28 9.31 -3.82
CA ASN B 30 2.21 8.98 -4.26
C ASN B 30 0.78 9.16 -3.62
C ASN B 30 0.78 9.00 -3.53
N THR B 31 0.25 10.18 -3.10
CA THR B 31 -1.15 10.36 -2.76
C THR B 31 -2.05 10.42 -4.00
N ILE B 32 -3.17 9.70 -3.94
N ILE B 32 -3.17 9.70 -3.97
CA ILE B 32 -4.11 9.61 -5.06
CA ILE B 32 -4.07 9.70 -5.12
C ILE B 32 -5.49 9.73 -4.49
C ILE B 32 -5.51 9.63 -4.63
N PHE B 33 -6.31 10.57 -5.15
CA PHE B 33 -7.78 10.58 -4.88
C PHE B 33 -8.56 10.36 -6.17
N GLU B 34 -9.76 9.81 -6.00
CA GLU B 34 -10.77 9.74 -7.05
C GLU B 34 -11.83 10.79 -6.71
N ASP B 35 -12.47 11.28 -7.74
CA ASP B 35 -13.74 12.07 -7.60
C ASP B 35 -13.50 13.32 -6.80
N ILE B 36 -12.43 14.04 -7.17
CA ILE B 36 -12.24 15.39 -6.63
C ILE B 36 -12.01 16.29 -7.74
N ASN B 37 -12.42 17.54 -7.59
N ASN B 37 -12.47 17.52 -7.53
CA ASN B 37 -12.09 18.47 -8.67
CA ASN B 37 -12.29 18.57 -8.53
C ASN B 37 -11.23 19.55 -8.09
C ASN B 37 -11.29 19.65 -8.09
N LEU B 38 -10.20 19.79 -8.85
CA LEU B 38 -9.15 20.67 -8.47
C LEU B 38 -8.93 21.68 -9.58
N PRO B 39 -8.58 22.89 -9.22
CA PRO B 39 -8.43 23.95 -10.25
C PRO B 39 -7.03 23.94 -10.89
N GLY B 40 -6.92 24.60 -12.00
CA GLY B 40 -5.66 24.90 -12.61
C GLY B 40 -5.13 23.78 -13.48
N ARG B 41 -3.91 24.04 -13.95
CA ARG B 41 -3.25 23.14 -14.87
C ARG B 41 -2.86 21.84 -14.19
N TRP B 42 -2.81 20.81 -15.00
CA TRP B 42 -2.28 19.51 -14.50
C TRP B 42 -1.40 18.88 -15.56
N LYS B 43 -0.72 17.83 -15.18
CA LYS B 43 0.21 17.08 -16.06
C LYS B 43 -0.20 15.66 -16.05
N PRO B 44 0.00 15.01 -17.19
CA PRO B 44 -0.46 13.64 -17.29
C PRO B 44 0.60 12.74 -16.57
N LYS B 45 0.02 11.60 -16.02
N LYS B 45 0.25 11.72 -15.79
CA LYS B 45 0.69 10.31 -15.48
CA LYS B 45 1.30 10.90 -15.20
C LYS B 45 -0.06 8.93 -15.34
C LYS B 45 0.67 9.56 -15.36
N MET B 46 0.67 7.82 -15.03
N MET B 46 1.46 8.50 -15.47
CA MET B 46 0.11 6.48 -14.63
CA MET B 46 0.77 7.22 -15.23
C MET B 46 0.84 5.91 -13.42
C MET B 46 1.20 6.86 -13.88
N VAL B 47 0.14 5.21 -12.55
N VAL B 47 0.32 6.17 -13.17
CA VAL B 47 0.74 4.47 -11.48
CA VAL B 47 0.68 5.65 -11.89
C VAL B 47 0.49 3.02 -11.57
C VAL B 47 0.66 4.16 -12.06
N GLY B 48 1.42 2.26 -11.01
N GLY B 48 1.59 3.48 -11.39
CA GLY B 48 1.34 0.85 -11.16
CA GLY B 48 1.55 2.02 -11.40
C GLY B 48 1.17 0.13 -9.86
C GLY B 48 0.79 1.50 -10.20
N GLY B 49 0.33 -0.94 -9.84
N GLY B 49 0.44 0.23 -10.24
CA GLY B 49 0.28 -1.78 -8.66
CA GLY B 49 -0.13 -0.45 -9.08
C GLY B 49 -0.12 -3.18 -8.99
C GLY B 49 0.15 -1.93 -9.29
N ILE B 50 -0.66 -3.88 -8.01
N ILE B 50 -0.49 -2.73 -8.45
CA ILE B 50 -1.33 -5.12 -8.22
CA ILE B 50 -0.28 -4.17 -8.52
C ILE B 50 -2.47 -4.91 -9.21
C ILE B 50 -0.76 -4.82 -9.78
N GLY B 51 -2.38 -5.77 -10.21
N GLY B 51 -2.00 -4.52 -10.18
CA GLY B 51 -3.10 -5.39 -11.49
CA GLY B 51 -2.87 -5.55 -10.84
C GLY B 51 -2.61 -4.47 -12.67
C GLY B 51 -3.15 -4.97 -12.18
N GLY B 52 -1.60 -3.60 -12.52
N GLY B 52 -2.27 -4.06 -12.49
CA GLY B 52 -0.98 -2.75 -13.54
CA GLY B 52 -2.56 -3.16 -13.54
C GLY B 52 -0.98 -1.20 -13.44
C GLY B 52 -2.13 -1.78 -13.16
N PHE B 53 -1.53 -0.45 -14.40
N PHE B 53 -2.46 -0.84 -14.03
CA PHE B 53 -1.48 0.99 -14.29
CA PHE B 53 -1.96 0.53 -13.89
C PHE B 53 -2.86 1.73 -14.34
C PHE B 53 -3.17 1.50 -13.95
N LEU B 54 -3.11 2.43 -13.25
N LEU B 54 -2.89 2.83 -14.09
CA LEU B 54 -4.17 3.43 -13.14
CA LEU B 54 -3.91 3.90 -14.21
C LEU B 54 -3.66 4.66 -13.88
C LEU B 54 -3.37 5.26 -14.83
N LYS B 55 -4.53 5.27 -14.68
N LYS B 55 -4.13 5.87 -15.73
CA LYS B 55 -4.26 6.56 -15.31
CA LYS B 55 -3.81 7.28 -16.09
C LYS B 55 -4.65 7.74 -14.40
C LYS B 55 -4.55 8.18 -15.15
N VAL B 56 -3.75 8.75 -14.28
CA VAL B 56 -4.03 9.90 -13.39
C VAL B 56 -3.65 11.32 -13.97
N ARG B 57 -4.20 12.39 -13.36
CA ARG B 57 -3.75 13.77 -13.56
C ARG B 57 -2.96 14.19 -12.36
N GLU B 58 -1.87 14.90 -12.55
CA GLU B 58 -1.14 15.42 -11.44
C GLU B 58 -1.39 16.88 -11.31
N TYR B 59 -1.67 17.23 -10.05
N TYR B 59 -2.15 17.30 -10.29
CA TYR B 59 -1.70 18.61 -9.54
CA TYR B 59 -2.47 18.71 -10.11
C TYR B 59 -0.63 18.89 -8.50
C TYR B 59 -1.46 19.33 -9.16
N ASP B 60 0.08 19.99 -8.69
N ASP B 60 -1.38 20.67 -9.15
CA ASP B 60 1.15 20.39 -7.73
CA ASP B 60 -0.40 21.43 -8.42
C ASP B 60 0.74 21.35 -6.64
C ASP B 60 -1.09 22.33 -7.44
N GLN B 61 -0.27 22.18 -6.82
N GLN B 61 -0.31 22.81 -6.50
CA GLN B 61 -0.62 22.92 -5.54
CA GLN B 61 -0.76 23.77 -5.47
C GLN B 61 -1.39 22.06 -4.52
C GLN B 61 -1.92 23.23 -4.66
N VAL B 62 -2.66 22.32 -4.41
N VAL B 62 -1.78 21.91 -4.21
CA VAL B 62 -3.54 21.46 -3.70
CA VAL B 62 -2.74 21.29 -3.46
C VAL B 62 -3.19 21.36 -2.21
C VAL B 62 -2.54 21.30 -1.93
N PRO B 63 -4.01 21.99 -1.42
N PRO B 63 -3.29 22.15 -1.27
CA PRO B 63 -3.97 21.91 0.01
CA PRO B 63 -3.30 22.04 0.17
C PRO B 63 -4.56 20.57 0.51
C PRO B 63 -4.07 20.74 0.59
N ILE B 64 -3.91 20.00 1.50
N ILE B 64 -3.57 20.01 1.60
CA ILE B 64 -4.27 18.74 2.15
CA ILE B 64 -4.33 18.87 2.21
C ILE B 64 -4.21 18.95 3.67
C ILE B 64 -4.25 19.16 3.68
N GLU B 65 -5.36 18.94 4.33
CA GLU B 65 -5.45 19.01 5.80
C GLU B 65 -5.53 17.58 6.28
N ILE B 66 -4.53 17.16 7.05
N ILE B 66 -4.62 17.22 7.16
CA ILE B 66 -4.37 15.77 7.53
CA ILE B 66 -4.48 15.81 7.53
C ILE B 66 -3.82 15.81 8.95
C ILE B 66 -3.80 15.76 8.92
N ALA B 67 -4.48 15.12 9.86
CA ALA B 67 -3.94 14.82 11.21
C ALA B 67 -3.53 16.08 11.92
N GLY B 68 -4.27 17.15 11.69
CA GLY B 68 -4.03 18.43 12.38
C GLY B 68 -2.95 19.29 11.72
N HIS B 69 -2.50 18.88 10.52
CA HIS B 69 -1.48 19.59 9.80
C HIS B 69 -2.05 20.05 8.50
N LYS B 70 -1.44 21.01 7.87
CA LYS B 70 -1.81 21.49 6.59
C LYS B 70 -0.59 21.42 5.77
N VAL B 71 -0.65 20.63 4.72
N VAL B 71 -0.68 20.84 4.59
CA VAL B 71 0.49 20.33 3.86
CA VAL B 71 0.45 20.70 3.66
C VAL B 71 0.04 21.06 2.64
C VAL B 71 -0.01 20.89 2.11
N ILE B 72 1.05 21.36 1.84
N ILE B 72 0.84 21.52 1.29
CA ILE B 72 0.85 21.57 0.42
CA ILE B 72 0.45 22.02 -0.03
C ILE B 72 1.62 20.45 -0.27
C ILE B 72 1.40 21.56 -1.09
N GLY B 73 0.94 19.65 -1.09
N GLY B 73 0.90 20.90 -2.12
CA GLY B 73 1.61 18.51 -1.69
CA GLY B 73 1.80 20.49 -3.15
C GLY B 73 1.15 18.31 -3.11
C GLY B 73 1.04 19.71 -4.21
N THR B 74 1.72 17.29 -3.72
N THR B 74 1.70 18.70 -4.79
CA THR B 74 1.30 16.81 -5.03
CA THR B 74 1.15 17.51 -5.57
C THR B 74 0.17 15.88 -4.98
C THR B 74 0.17 16.31 -5.08
N VAL B 75 -0.86 16.18 -5.86
CA VAL B 75 -1.84 15.18 -5.68
C VAL B 75 -2.16 14.64 -7.02
N LEU B 76 -2.28 13.31 -7.12
CA LEU B 76 -2.76 12.66 -8.29
C LEU B 76 -4.25 12.41 -8.17
N VAL B 77 -4.95 12.58 -9.29
CA VAL B 77 -6.40 12.36 -9.38
C VAL B 77 -6.66 11.34 -10.44
N GLY B 78 -7.36 10.28 -10.07
CA GLY B 78 -7.74 9.23 -11.09
C GLY B 78 -8.54 8.15 -10.40
N PRO B 79 -9.02 7.16 -11.16
CA PRO B 79 -10.04 6.22 -10.63
C PRO B 79 -9.58 5.08 -9.73
N THR B 80 -8.87 5.40 -8.68
CA THR B 80 -8.34 4.47 -7.72
C THR B 80 -9.55 3.87 -6.96
N PRO B 81 -9.44 2.60 -6.54
CA PRO B 81 -10.58 2.00 -5.81
C PRO B 81 -10.76 2.57 -4.42
N VAL B 82 -9.66 3.07 -3.83
N VAL B 82 -9.64 3.08 -3.88
CA VAL B 82 -9.72 3.72 -2.54
CA VAL B 82 -9.60 3.64 -2.55
C VAL B 82 -8.69 4.82 -2.56
C VAL B 82 -8.71 4.86 -2.67
N ASN B 83 -9.04 5.93 -1.96
CA ASN B 83 -8.11 7.06 -1.92
C ASN B 83 -6.92 6.67 -1.02
N VAL B 84 -5.68 7.06 -1.37
N VAL B 84 -5.73 7.14 -1.41
CA VAL B 84 -4.55 6.72 -0.48
CA VAL B 84 -4.45 6.70 -0.80
C VAL B 84 -3.70 7.93 -0.28
C VAL B 84 -3.65 7.95 -0.34
N ILE B 85 -3.20 7.99 0.92
CA ILE B 85 -2.18 8.93 1.35
C ILE B 85 -0.84 8.24 1.26
N GLY B 86 0.02 8.74 0.37
CA GLY B 86 1.30 8.10 0.19
C GLY B 86 2.42 8.73 0.95
N ARG B 87 3.65 8.25 0.68
CA ARG B 87 4.81 8.69 1.43
C ARG B 87 5.13 10.14 1.17
N ASP B 88 4.79 10.66 0.00
CA ASP B 88 4.97 12.10 -0.27
C ASP B 88 4.28 12.95 0.77
N THR B 89 3.05 12.64 1.16
CA THR B 89 2.34 13.38 2.13
C THR B 89 2.76 12.97 3.55
N MET B 90 2.96 11.67 3.82
CA MET B 90 3.25 11.20 5.14
C MET B 90 4.60 11.74 5.66
N THR B 91 5.57 11.87 4.79
CA THR B 91 6.85 12.43 5.20
C THR B 91 6.68 13.86 5.62
N GLN B 92 5.76 14.59 5.02
N GLN B 92 5.70 14.59 5.06
CA GLN B 92 5.63 15.99 5.41
CA GLN B 92 5.41 16.02 5.41
C GLN B 92 5.05 16.16 6.81
C GLN B 92 4.80 16.23 6.76
N ILE B 93 4.33 15.14 7.33
CA ILE B 93 3.81 15.15 8.69
C ILE B 93 4.63 14.32 9.62
N GLY B 94 5.79 13.85 9.20
CA GLY B 94 6.66 13.18 10.12
C GLY B 94 6.20 11.81 10.53
N ALA B 95 5.44 11.13 9.68
CA ALA B 95 4.94 9.77 10.09
C ALA B 95 6.06 8.72 10.14
N THR B 96 5.91 7.78 11.08
CA THR B 96 6.87 6.70 11.23
C THR B 96 6.13 5.39 11.38
N LEU B 97 6.79 4.34 10.91
N LEU B 97 6.85 4.34 11.11
CA LEU B 97 6.45 2.92 11.25
CA LEU B 97 6.29 3.03 11.34
C LEU B 97 7.25 2.42 12.45
C LEU B 97 7.20 2.29 12.30
N ASN B 98 6.58 1.70 13.32
CA ASN B 98 7.25 0.96 14.40
C ASN B 98 6.98 -0.48 14.16
N PHE B 99 8.03 -1.31 14.22
CA PHE B 99 7.79 -2.79 14.05
C PHE B 99 8.93 -3.56 14.71
N1 G10 C . 1.30 6.45 -5.87
N1 G10 C . -3.27 -8.01 -0.25
C2 G10 C . 0.76 5.20 -5.75
C2 G10 C . -2.99 -6.96 -1.09
C3 G10 C . -0.30 4.99 -4.89
C3 G10 C . -1.69 -6.53 -1.21
C4 G10 C . -0.85 3.72 -4.72
C4 G10 C . -1.40 -5.44 -1.97
C5 G10 C . -0.40 2.62 -5.47
C5 G10 C . -2.31 -4.80 -2.76
C6 G10 C . 0.68 2.86 -6.32
C6 G10 C . -3.63 -5.23 -2.64
C7 G10 C . 1.28 4.15 -6.48
C7 G10 C . -3.97 -6.31 -1.82
S8 G10 C . -1.02 1.07 -5.25
S8 G10 C . -1.93 -3.43 -3.66
O9 G10 C . -2.35 1.18 -4.72
O9 G10 C . -0.52 -3.53 -4.02
O10 G10 C . -0.85 0.32 -6.46
O10 G10 C . -2.84 -3.32 -4.76
N11 G10 C . -0.17 0.34 -4.15
N11 G10 C . -2.09 -2.17 -2.77
C12 G10 C . 1.22 -0.08 -4.52
C12 G10 C . -3.49 -1.77 -2.43
C13 G10 C . 1.76 -1.32 -3.85
C13 G10 C . -3.75 -0.26 -2.22
C14 G10 C . 1.00 -2.54 -4.38
C14 G10 C . -3.55 0.46 -3.56
C15 G10 C . 3.24 -1.58 -4.12
C15 G10 C . -5.16 0.03 -1.66
C16 G10 C . -0.49 0.64 -2.73
C16 G10 C . -0.99 -1.81 -1.85
C17 G10 C . -1.07 -0.50 -1.93
C17 G10 C . -0.25 -0.54 -2.23
O18 G10 C . -0.99 -0.13 -0.54
O18 G10 C . 0.56 -0.14 -1.10
C19 G10 C . -2.53 -0.74 -2.31
C19 G10 C . 0.66 -0.71 -3.45
N20 G10 C . -3.00 -2.01 -1.70
N20 G10 C . 1.19 0.59 -3.87
C21 G10 C . -3.04 -3.17 -2.40
C21 G10 C . 0.66 1.29 -4.89
O22 G10 C . -2.83 -3.38 -3.55
O22 G10 C . -0.19 0.91 -5.64
O23 G10 C . -3.47 -4.24 -1.58
O23 G10 C . 1.28 2.50 -5.06
C24 G10 C . -3.86 -5.49 -2.14
C24 G10 C . 1.02 3.26 -6.24
C25 G10 C . -3.15 -6.55 -1.33
C25 G10 C . 0.78 4.70 -5.77
O26 G10 C . -3.98 -6.65 -0.15
O26 G10 C . 2.10 5.20 -5.51
C27 G10 C . -5.33 -6.35 -0.48
C27 G10 C . 3.02 4.54 -6.40
O28 G10 C . -5.72 -5.20 0.31
O28 G10 C . 4.01 3.89 -5.55
C29 G10 C . -6.05 -4.04 -0.45
C29 G10 C . 4.08 2.49 -5.77
C30 G10 C . -6.24 -4.55 -1.85
C30 G10 C . 3.23 2.23 -7.02
C31 G10 C . -5.35 -5.81 -1.90
C31 G10 C . 2.28 3.42 -7.12
C32 G10 C . -3.54 0.35 -1.86
C32 G10 C . 1.88 -1.61 -3.20
C33 G10 C . -5.89 -0.43 -1.37
C33 G10 C . 3.91 -1.11 -4.49
C34 G10 C . -7.20 -0.79 -1.70
C34 G10 C . 4.69 -1.13 -5.63
C35 G10 C . -7.51 -0.86 -3.06
C35 G10 C . 4.24 -1.75 -6.79
C36 G10 C . -6.57 -0.54 -4.05
C36 G10 C . 2.98 -2.33 -6.79
C37 G10 C . -5.26 -0.16 -3.67
C37 G10 C . 2.17 -2.30 -5.64
C38 G10 C . -4.93 -0.06 -2.34
C38 G10 C . 2.66 -1.73 -4.48
F39 G10 C . -5.91 -3.63 -2.78
F39 G10 C . 2.58 1.05 -7.03
F40 G10 C . -7.42 -5.01 -2.21
F40 G10 C . 3.97 2.26 -8.08
Y Y1 D . 8.77 -13.73 -11.79
Y Y1 E . 7.97 -14.57 -12.45
CL CL F . 9.19 -12.29 -11.54
CL CL G . 7.27 -15.42 -12.93
CL CL H . 13.07 4.28 -2.17
NA NA I . 0.96 -13.42 7.91
C1 GOL J . 2.88 -28.26 3.45
O1 GOL J . 2.21 -27.16 4.06
C2 GOL J . 2.20 -29.57 3.90
O2 GOL J . 3.03 -30.31 4.77
C3 GOL J . 1.85 -30.42 2.72
O3 GOL J . 0.79 -31.27 3.01
Y Y1 K . -15.93 7.93 -9.40
Y Y1 L . -15.78 8.26 -10.78
CL CL M . -8.89 -0.89 15.86
CL CL N . -11.08 -2.37 8.03
C1 GOL O . 9.94 9.60 -1.52
O1 GOL O . 10.86 8.61 -1.96
C2 GOL O . 10.33 10.42 -0.30
O2 GOL O . 11.54 11.21 -0.27
C3 GOL O . 9.01 11.07 0.02
O3 GOL O . 8.25 11.32 -1.13
#